data_4NIG
#
_entry.id   4NIG
#
_cell.length_a   41.488
_cell.length_b   76.078
_cell.length_c   52.191
_cell.angle_alpha   90.00
_cell.angle_beta   108.46
_cell.angle_gamma   90.00
#
_symmetry.space_group_name_H-M   'P 1 21 1'
#
loop_
_entity.id
_entity.type
_entity.pdbx_description
1 polymer 'Alpha-ketoglutarate-dependent dioxygenase AlkB'
2 polymer "5'-D(*TP*AP*GP*GP*TP*AP*AP*(6MA)P*AP*CP*CP*GP*T)-3'"
3 polymer "5'-D(*AP*AP*CP*GP*GP*TP*AP*TP*TP*AP*CP*CP*T)-3'"
4 non-polymer 'MANGANESE (II) ION'
5 non-polymer '2-OXOGLUTARIC ACID'
6 water water
#
loop_
_entity_poly.entity_id
_entity_poly.type
_entity_poly.pdbx_seq_one_letter_code
_entity_poly.pdbx_strand_id
1 'polypeptide(L)'
;QEPLAAGAVILRRFAFNAAEQLIRDINDVASQSPFRQMVTPGGYTMSVAMTNCGHLGWTTHRQGYLYSPIDPQTNKPWPA
MPQSFHNLCQRAATAAGYPDFQPDACLINRYAPGAKLCLHQDKIHPDLRAPIVSVSLGLPAIFQFGGLKRNDPLKRLLLE
HGDVVVWGGESRLFYHGIQPLKAGFHPLTIDCRYNLTFRQAGKKE
;
A
2 'polydeoxyribonucleotide' (DT)(DA)(DG)(DG)(DT)(DA)(DA)(6MA)(DA)(2YR)(DC)(DG)(DT) B
3 'polydeoxyribonucleotide' (DA)(DA)(DC)(DG)(DG)(DT)(DA)(DT)(DT)(DA)(DC)(DC)(DT) C
#
loop_
_chem_comp.id
_chem_comp.type
_chem_comp.name
_chem_comp.formula
2YR non-polymer '2'-deoxy-N-(2-sulfanylethyl)cytidine 5'-(dihydrogen phosphate)' 'C11 H18 N3 O7 P S'
6MA DNA linking N6-METHYL-DEOXY-ADENOSINE-5'-MONOPHOSPHATE 'C11 H16 N5 O6 P'
AKG non-polymer '2-OXOGLUTARIC ACID' 'C5 H6 O5'
DA DNA linking 2'-DEOXYADENOSINE-5'-MONOPHOSPHATE 'C10 H14 N5 O6 P'
DC DNA linking 2'-DEOXYCYTIDINE-5'-MONOPHOSPHATE 'C9 H14 N3 O7 P'
DG DNA linking 2'-DEOXYGUANOSINE-5'-MONOPHOSPHATE 'C10 H14 N5 O7 P'
DT DNA linking THYMIDINE-5'-MONOPHOSPHATE 'C10 H15 N2 O8 P'
MN non-polymer 'MANGANESE (II) ION' 'Mn 2'
#
# COMPACT_ATOMS: atom_id res chain seq x y z
N GLU A 2 4.88 -10.73 20.21
CA GLU A 2 4.98 -11.74 19.17
C GLU A 2 5.06 -11.07 17.80
N PRO A 3 6.13 -11.46 16.96
CA PRO A 3 6.18 -10.74 15.67
C PRO A 3 5.09 -11.11 14.68
N LEU A 4 4.86 -10.35 13.59
CA LEU A 4 3.71 -10.65 12.71
C LEU A 4 3.80 -12.04 12.07
N ALA A 5 4.95 -12.30 11.46
CA ALA A 5 5.24 -13.60 10.84
C ALA A 5 6.72 -13.67 10.49
N ALA A 6 7.19 -14.82 9.95
CA ALA A 6 8.55 -14.93 9.47
C ALA A 6 8.78 -13.86 8.38
N GLY A 7 9.73 -12.97 8.63
CA GLY A 7 10.05 -11.94 7.69
C GLY A 7 9.12 -10.72 7.76
N ALA A 8 8.20 -10.71 8.71
CA ALA A 8 7.16 -9.66 8.77
C ALA A 8 7.06 -9.01 10.14
N VAL A 9 6.80 -7.69 10.17
N VAL A 9 6.85 -7.70 10.13
CA VAL A 9 6.68 -6.95 11.44
CA VAL A 9 6.85 -6.93 11.35
C VAL A 9 5.71 -5.76 11.33
C VAL A 9 5.93 -5.74 11.17
N ILE A 10 5.15 -5.34 12.46
N ILE A 10 5.31 -5.37 12.29
CA ILE A 10 4.38 -4.09 12.48
CA ILE A 10 4.59 -4.12 12.40
C ILE A 10 5.18 -3.13 13.35
C ILE A 10 5.40 -3.17 13.25
N LEU A 11 5.46 -1.93 12.78
CA LEU A 11 6.19 -0.85 13.40
C LEU A 11 5.12 0.20 13.75
N ARG A 12 4.60 0.10 14.98
CA ARG A 12 3.46 0.92 15.36
C ARG A 12 3.87 2.38 15.53
N ARG A 13 3.09 3.24 14.89
CA ARG A 13 3.28 4.73 14.86
C ARG A 13 4.63 5.14 14.28
N PHE A 14 5.27 4.27 13.53
CA PHE A 14 6.58 4.54 12.95
C PHE A 14 6.57 5.83 12.12
N ALA A 15 5.49 6.05 11.39
CA ALA A 15 5.31 7.19 10.43
C ALA A 15 4.53 8.34 11.04
N PHE A 16 4.25 8.28 12.34
CA PHE A 16 3.44 9.31 12.98
C PHE A 16 4.02 10.73 12.80
N ASN A 17 5.32 10.86 13.07
CA ASN A 17 5.98 12.20 12.97
C ASN A 17 6.05 12.69 11.52
N ALA A 18 6.14 11.76 10.58
CA ALA A 18 6.26 12.09 9.14
C ALA A 18 4.90 12.31 8.46
N ALA A 19 3.82 11.99 9.15
CA ALA A 19 2.50 11.86 8.50
C ALA A 19 2.00 13.16 7.87
N GLU A 20 2.10 14.31 8.54
CA GLU A 20 1.61 15.52 7.93
C GLU A 20 2.23 15.82 6.54
N GLN A 21 3.54 15.64 6.42
CA GLN A 21 4.22 15.88 5.16
C GLN A 21 3.84 14.77 4.15
N LEU A 22 3.73 13.53 4.60
CA LEU A 22 3.31 12.47 3.69
C LEU A 22 1.96 12.79 3.03
N ILE A 23 1.03 13.31 3.84
CA ILE A 23 -0.30 13.67 3.34
C ILE A 23 -0.23 14.86 2.38
N ARG A 24 0.59 15.86 2.70
CA ARG A 24 0.82 16.94 1.73
C ARG A 24 1.32 16.41 0.38
N ASP A 25 2.23 15.43 0.44
CA ASP A 25 2.75 14.83 -0.80
C ASP A 25 1.76 13.85 -1.50
N ILE A 26 0.89 13.20 -0.76
CA ILE A 26 -0.23 12.48 -1.38
C ILE A 26 -1.06 13.47 -2.23
N ASN A 27 -1.37 14.63 -1.64
CA ASN A 27 -2.18 15.60 -2.33
C ASN A 27 -1.52 16.11 -3.61
N ASP A 28 -0.20 16.28 -3.55
CA ASP A 28 0.59 16.69 -4.72
C ASP A 28 0.61 15.62 -5.80
N VAL A 29 0.87 14.37 -5.42
CA VAL A 29 0.80 13.27 -6.39
C VAL A 29 -0.56 13.25 -7.10
N ALA A 30 -1.63 13.33 -6.31
CA ALA A 30 -2.99 13.14 -6.85
C ALA A 30 -3.43 14.35 -7.68
N SER A 31 -2.75 15.45 -7.48
CA SER A 31 -3.04 16.60 -8.33
C SER A 31 -2.61 16.33 -9.78
N GLN A 32 -1.72 15.36 -9.99
CA GLN A 32 -1.15 15.05 -11.30
C GLN A 32 -1.71 13.77 -11.87
N SER A 33 -1.78 12.76 -11.01
CA SER A 33 -2.45 11.47 -11.33
C SER A 33 -3.56 11.28 -10.30
N PRO A 34 -4.81 11.63 -10.66
CA PRO A 34 -5.92 11.62 -9.73
C PRO A 34 -6.21 10.23 -9.19
N PHE A 35 -6.76 10.20 -7.99
CA PHE A 35 -7.34 8.97 -7.47
C PHE A 35 -8.42 8.51 -8.44
N ARG A 36 -8.45 7.19 -8.72
CA ARG A 36 -9.52 6.61 -9.50
C ARG A 36 -9.85 5.26 -8.93
N GLN A 37 -11.12 4.91 -9.02
CA GLN A 37 -11.51 3.52 -8.67
C GLN A 37 -11.37 2.66 -9.91
N MET A 38 -10.42 1.73 -9.85
N MET A 38 -10.44 1.72 -9.86
CA MET A 38 -10.12 0.84 -10.97
CA MET A 38 -10.16 0.89 -11.02
C MET A 38 -11.14 -0.27 -11.16
C MET A 38 -11.14 -0.27 -11.16
N VAL A 39 -11.23 -0.77 -12.39
CA VAL A 39 -12.16 -1.86 -12.74
C VAL A 39 -11.39 -3.17 -12.95
N THR A 40 -11.86 -4.22 -12.29
CA THR A 40 -11.22 -5.50 -12.41
C THR A 40 -11.40 -6.06 -13.84
N PRO A 41 -10.56 -7.02 -14.19
CA PRO A 41 -10.76 -7.72 -15.47
C PRO A 41 -12.17 -8.28 -15.68
N GLY A 42 -12.79 -8.77 -14.61
CA GLY A 42 -14.16 -9.22 -14.65
C GLY A 42 -15.25 -8.17 -14.67
N GLY A 43 -14.89 -6.90 -14.51
CA GLY A 43 -15.82 -5.80 -14.73
C GLY A 43 -16.37 -5.07 -13.51
N TYR A 44 -15.81 -5.37 -12.33
CA TYR A 44 -16.25 -4.75 -11.09
C TYR A 44 -15.36 -3.60 -10.67
N THR A 45 -16.00 -2.53 -10.21
CA THR A 45 -15.27 -1.31 -9.77
C THR A 45 -14.84 -1.46 -8.31
N MET A 46 -13.54 -1.35 -8.06
CA MET A 46 -12.98 -1.51 -6.74
C MET A 46 -13.49 -0.36 -5.83
N SER A 47 -13.67 -0.66 -4.55
CA SER A 47 -14.20 0.37 -3.62
C SER A 47 -13.10 1.31 -3.18
N VAL A 48 -11.86 0.84 -3.17
CA VAL A 48 -10.70 1.71 -2.81
C VAL A 48 -10.35 2.51 -4.03
N ALA A 49 -10.12 3.83 -3.85
CA ALA A 49 -9.60 4.64 -4.92
C ALA A 49 -8.06 4.61 -4.86
N MET A 50 -7.44 4.60 -6.02
CA MET A 50 -5.98 4.43 -6.12
C MET A 50 -5.31 5.44 -7.06
N THR A 51 -4.04 5.72 -6.81
CA THR A 51 -3.10 6.31 -7.78
C THR A 51 -1.72 5.77 -7.45
N ASN A 52 -0.68 6.23 -8.14
CA ASN A 52 0.64 5.73 -7.91
C ASN A 52 1.66 6.82 -8.10
N CYS A 53 2.86 6.59 -7.55
CA CYS A 53 4.00 7.39 -7.88
C CYS A 53 5.23 6.53 -7.99
N GLY A 54 6.30 7.12 -8.46
CA GLY A 54 7.49 6.34 -8.81
C GLY A 54 7.50 5.91 -10.25
N HIS A 55 8.46 5.04 -10.58
N HIS A 55 8.47 5.06 -10.60
CA HIS A 55 8.63 4.60 -11.96
CA HIS A 55 8.60 4.60 -11.97
C HIS A 55 7.51 3.65 -12.43
C HIS A 55 7.45 3.71 -12.43
N LEU A 56 6.92 2.89 -11.53
CA LEU A 56 5.91 1.91 -11.90
C LEU A 56 4.69 2.04 -11.01
N GLY A 57 3.52 1.97 -11.65
CA GLY A 57 2.26 1.98 -10.93
C GLY A 57 1.43 0.75 -11.17
N TRP A 58 0.82 0.25 -10.10
CA TRP A 58 -0.10 -0.87 -10.21
C TRP A 58 -1.41 -0.41 -10.82
N THR A 59 -1.88 -1.20 -11.79
CA THR A 59 -3.15 -0.96 -12.46
C THR A 59 -3.84 -2.25 -12.84
N THR A 60 -5.13 -2.12 -13.03
CA THR A 60 -5.89 -3.16 -13.69
C THR A 60 -6.02 -2.79 -15.15
N HIS A 61 -6.42 -3.79 -15.93
N HIS A 61 -6.52 -3.73 -15.92
CA HIS A 61 -6.58 -3.72 -17.38
CA HIS A 61 -7.17 -3.42 -17.18
C HIS A 61 -7.65 -4.79 -17.66
C HIS A 61 -7.72 -4.74 -17.63
N ARG A 62 -8.25 -4.79 -18.84
CA ARG A 62 -9.08 -5.93 -19.25
C ARG A 62 -8.35 -7.29 -19.17
N GLN A 63 -7.05 -7.29 -19.43
CA GLN A 63 -6.28 -8.53 -19.55
C GLN A 63 -5.67 -9.05 -18.24
N GLY A 64 -5.80 -8.32 -17.15
CA GLY A 64 -5.12 -8.69 -15.93
C GLY A 64 -4.71 -7.50 -15.11
N TYR A 65 -3.72 -7.71 -14.24
CA TYR A 65 -3.10 -6.67 -13.45
C TYR A 65 -1.73 -6.39 -14.05
N LEU A 66 -1.30 -5.13 -13.95
CA LEU A 66 -0.07 -4.68 -14.58
C LEU A 66 0.62 -3.61 -13.79
N TYR A 67 1.93 -3.74 -13.61
CA TYR A 67 2.76 -2.58 -13.24
C TYR A 67 3.17 -1.85 -14.50
N SER A 68 2.78 -0.58 -14.60
CA SER A 68 2.99 0.15 -15.81
C SER A 68 3.75 1.44 -15.54
N PRO A 69 4.64 1.85 -16.47
CA PRO A 69 5.30 3.15 -16.32
C PRO A 69 4.46 4.39 -16.64
N ILE A 70 3.29 4.17 -17.25
CA ILE A 70 2.40 5.23 -17.68
C ILE A 70 1.05 5.08 -17.00
N ASP A 71 0.51 6.18 -16.54
CA ASP A 71 -0.83 6.25 -15.98
C ASP A 71 -1.81 6.17 -17.14
N PRO A 72 -2.62 5.11 -17.23
CA PRO A 72 -3.48 4.96 -18.40
C PRO A 72 -4.59 5.99 -18.49
N GLN A 73 -4.85 6.68 -17.40
CA GLN A 73 -5.86 7.71 -17.42
C GLN A 73 -5.33 9.01 -17.99
N THR A 74 -4.10 9.38 -17.66
CA THR A 74 -3.51 10.63 -18.14
C THR A 74 -2.64 10.49 -19.36
N ASN A 75 -2.19 9.25 -19.62
CA ASN A 75 -1.21 8.95 -20.67
C ASN A 75 0.14 9.61 -20.44
N LYS A 76 0.44 9.93 -19.19
CA LYS A 76 1.69 10.51 -18.78
C LYS A 76 2.33 9.62 -17.72
N PRO A 77 3.64 9.80 -17.50
CA PRO A 77 4.26 9.00 -16.45
C PRO A 77 3.59 9.28 -15.10
N TRP A 78 3.56 8.29 -14.22
CA TRP A 78 3.17 8.57 -12.85
C TRP A 78 4.09 9.69 -12.25
N PRO A 79 3.55 10.48 -11.28
CA PRO A 79 4.42 11.44 -10.64
C PRO A 79 5.65 10.79 -9.99
N ALA A 80 6.77 11.51 -9.98
CA ALA A 80 7.98 11.03 -9.28
C ALA A 80 7.67 10.68 -7.82
N MET A 81 8.32 9.65 -7.29
CA MET A 81 8.16 9.31 -5.89
C MET A 81 8.66 10.48 -5.02
N PRO A 82 7.78 11.05 -4.17
CA PRO A 82 8.24 12.13 -3.25
C PRO A 82 9.39 11.67 -2.34
N GLN A 83 10.31 12.59 -2.09
CA GLN A 83 11.43 12.30 -1.22
C GLN A 83 10.95 11.90 0.19
N SER A 84 9.87 12.47 0.66
CA SER A 84 9.31 12.11 1.96
C SER A 84 8.94 10.65 2.00
N PHE A 85 8.31 10.20 0.93
CA PHE A 85 7.88 8.80 0.81
C PHE A 85 9.12 7.93 0.78
N HIS A 86 10.09 8.29 -0.03
CA HIS A 86 11.26 7.41 -0.21
C HIS A 86 12.05 7.32 1.11
N ASN A 87 12.19 8.44 1.80
CA ASN A 87 12.97 8.45 3.04
C ASN A 87 12.26 7.67 4.15
N LEU A 88 10.96 7.87 4.29
CA LEU A 88 10.18 7.10 5.27
C LEU A 88 10.30 5.59 4.98
N CYS A 89 10.11 5.22 3.71
CA CYS A 89 10.18 3.81 3.28
C CYS A 89 11.51 3.19 3.65
N GLN A 90 12.62 3.88 3.35
CA GLN A 90 13.93 3.30 3.65
C GLN A 90 14.18 3.18 5.17
N ARG A 91 13.72 4.13 5.98
CA ARG A 91 13.89 4.08 7.43
C ARG A 91 13.07 2.88 7.97
N ALA A 92 11.84 2.71 7.49
CA ALA A 92 10.98 1.62 8.00
C ALA A 92 11.57 0.29 7.56
N ALA A 93 11.98 0.19 6.29
CA ALA A 93 12.53 -1.09 5.79
C ALA A 93 13.76 -1.46 6.61
N THR A 94 14.62 -0.50 6.89
CA THR A 94 15.82 -0.75 7.70
C THR A 94 15.46 -1.22 9.12
N ALA A 95 14.49 -0.57 9.74
CA ALA A 95 14.09 -0.94 11.09
C ALA A 95 13.54 -2.36 11.12
N ALA A 96 12.92 -2.79 10.02
CA ALA A 96 12.27 -4.09 9.89
C ALA A 96 13.23 -5.18 9.45
N GLY A 97 14.49 -4.82 9.24
CA GLY A 97 15.50 -5.79 8.83
C GLY A 97 15.69 -5.97 7.34
N TYR A 98 15.28 -4.99 6.56
CA TYR A 98 15.49 -4.96 5.11
C TYR A 98 16.25 -3.68 4.70
N PRO A 99 17.52 -3.54 5.12
CA PRO A 99 18.23 -2.29 4.86
C PRO A 99 18.60 -1.97 3.42
N ASP A 100 18.49 -2.91 2.50
CA ASP A 100 18.92 -2.70 1.11
C ASP A 100 17.76 -2.46 0.12
N PHE A 101 16.54 -2.35 0.63
CA PHE A 101 15.34 -2.20 -0.21
C PHE A 101 15.39 -0.93 -1.02
N GLN A 102 15.17 -1.06 -2.33
CA GLN A 102 15.14 0.04 -3.28
C GLN A 102 13.80 0.05 -4.02
N PRO A 103 12.76 0.68 -3.43
CA PRO A 103 11.48 0.67 -4.16
C PRO A 103 11.51 1.47 -5.45
N ASP A 104 10.74 1.01 -6.44
CA ASP A 104 10.52 1.76 -7.69
C ASP A 104 9.04 2.00 -7.97
N ALA A 105 8.20 1.78 -6.96
CA ALA A 105 6.74 1.79 -7.13
C ALA A 105 6.10 2.10 -5.79
N CYS A 106 5.16 3.05 -5.78
CA CYS A 106 4.33 3.31 -4.61
C CYS A 106 2.85 3.45 -5.03
N LEU A 107 2.01 2.55 -4.52
CA LEU A 107 0.58 2.48 -4.77
C LEU A 107 -0.04 3.18 -3.57
N ILE A 108 -0.82 4.21 -3.89
CA ILE A 108 -1.51 5.06 -2.90
C ILE A 108 -3.01 4.70 -2.93
N ASN A 109 -3.52 4.22 -1.80
CA ASN A 109 -4.89 3.75 -1.64
C ASN A 109 -5.63 4.81 -0.79
N ARG A 110 -6.88 5.11 -1.13
CA ARG A 110 -7.75 5.97 -0.31
C ARG A 110 -9.01 5.19 -0.02
N TYR A 111 -9.30 5.01 1.27
CA TYR A 111 -10.48 4.32 1.73
C TYR A 111 -11.50 5.32 2.29
N ALA A 112 -12.68 5.35 1.67
CA ALA A 112 -13.85 5.98 2.24
C ALA A 112 -14.55 4.98 3.13
N PRO A 113 -15.47 5.44 3.97
CA PRO A 113 -16.23 4.47 4.75
C PRO A 113 -16.86 3.40 3.90
N GLY A 114 -16.75 2.14 4.33
CA GLY A 114 -17.29 1.00 3.57
C GLY A 114 -16.27 0.33 2.64
N ALA A 115 -15.22 1.04 2.26
CA ALA A 115 -14.25 0.54 1.28
C ALA A 115 -13.45 -0.56 1.93
N LYS A 116 -13.09 -1.56 1.10
CA LYS A 116 -12.41 -2.77 1.55
C LYS A 116 -11.40 -3.17 0.52
N LEU A 117 -10.56 -4.14 0.86
CA LEU A 117 -9.73 -4.77 -0.11
C LEU A 117 -9.68 -6.24 0.23
N CYS A 118 -10.32 -7.07 -0.57
CA CYS A 118 -10.44 -8.46 -0.27
C CYS A 118 -9.09 -9.17 -0.28
N LEU A 119 -9.03 -10.27 0.47
CA LEU A 119 -7.80 -11.02 0.61
C LEU A 119 -7.17 -11.28 -0.76
N HIS A 120 -5.87 -11.02 -0.84
CA HIS A 120 -5.10 -11.15 -2.07
C HIS A 120 -3.63 -11.32 -1.72
N GLN A 121 -2.85 -11.69 -2.74
CA GLN A 121 -1.39 -11.75 -2.66
C GLN A 121 -0.80 -10.63 -3.53
N ASP A 122 0.30 -10.05 -3.08
CA ASP A 122 1.05 -9.09 -3.91
C ASP A 122 2.02 -9.96 -4.71
N LYS A 123 1.75 -10.05 -6.00
CA LYS A 123 2.54 -10.88 -6.90
C LYS A 123 3.36 -9.95 -7.77
N ILE A 124 4.38 -10.53 -8.41
CA ILE A 124 5.43 -9.81 -9.16
C ILE A 124 6.61 -9.45 -8.24
N HIS A 125 7.56 -10.39 -8.10
CA HIS A 125 8.76 -10.21 -7.26
C HIS A 125 10.06 -10.46 -8.06
N PRO A 126 10.57 -9.44 -8.76
CA PRO A 126 11.87 -9.60 -9.44
C PRO A 126 13.05 -9.78 -8.47
N ASP A 127 12.89 -9.36 -7.23
CA ASP A 127 13.91 -9.57 -6.18
C ASP A 127 13.26 -10.26 -5.00
N LEU A 128 13.54 -11.56 -4.85
CA LEU A 128 12.93 -12.34 -3.78
C LEU A 128 13.34 -11.85 -2.35
N ARG A 129 14.35 -10.99 -2.27
CA ARG A 129 14.85 -10.39 -1.01
C ARG A 129 14.23 -9.02 -0.66
N ALA A 130 13.46 -8.43 -1.59
CA ALA A 130 12.81 -7.11 -1.43
C ALA A 130 11.45 -7.24 -0.77
N PRO A 131 11.21 -6.46 0.28
CA PRO A 131 9.95 -6.59 0.96
C PRO A 131 8.83 -5.69 0.34
N ILE A 132 7.70 -5.77 0.98
CA ILE A 132 6.61 -4.84 0.82
C ILE A 132 6.58 -3.97 2.05
N VAL A 133 6.52 -2.63 1.89
CA VAL A 133 6.40 -1.72 3.02
C VAL A 133 5.08 -0.97 2.87
N SER A 134 4.27 -1.03 3.91
CA SER A 134 2.87 -0.59 3.87
C SER A 134 2.57 0.40 4.99
N VAL A 135 2.29 1.66 4.63
CA VAL A 135 2.17 2.73 5.61
C VAL A 135 0.71 3.20 5.73
N SER A 136 0.15 3.20 6.96
CA SER A 136 -1.24 3.62 7.27
C SER A 136 -1.31 5.06 7.71
N LEU A 137 -2.30 5.75 7.14
CA LEU A 137 -2.58 7.12 7.54
C LEU A 137 -4.08 7.38 7.71
N GLY A 138 -4.41 8.25 8.67
CA GLY A 138 -5.81 8.55 8.91
C GLY A 138 -6.61 7.61 9.79
N LEU A 139 -7.85 7.37 9.37
CA LEU A 139 -8.77 6.49 10.07
C LEU A 139 -8.26 5.06 10.22
N PRO A 140 -8.64 4.43 11.34
CA PRO A 140 -8.16 3.07 11.59
C PRO A 140 -8.87 2.01 10.74
N ALA A 141 -8.13 0.93 10.46
CA ALA A 141 -8.68 -0.21 9.71
C ALA A 141 -8.24 -1.59 10.25
N ILE A 142 -9.08 -2.58 10.05
CA ILE A 142 -8.68 -3.97 10.41
C ILE A 142 -8.03 -4.68 9.21
N PHE A 143 -6.76 -5.00 9.39
CA PHE A 143 -5.87 -5.63 8.44
C PHE A 143 -5.89 -7.12 8.73
N GLN A 144 -6.09 -7.90 7.69
CA GLN A 144 -5.97 -9.36 7.72
C GLN A 144 -4.61 -9.74 7.18
N PHE A 145 -3.95 -10.65 7.90
CA PHE A 145 -2.69 -11.22 7.46
C PHE A 145 -2.74 -12.74 7.66
N GLY A 146 -2.64 -13.47 6.56
CA GLY A 146 -2.77 -14.93 6.58
C GLY A 146 -1.49 -15.68 6.28
N GLY A 147 -1.59 -16.60 5.34
CA GLY A 147 -0.47 -17.45 4.95
C GLY A 147 -0.36 -17.59 3.45
N LEU A 148 0.34 -18.62 3.02
CA LEU A 148 0.58 -18.79 1.61
C LEU A 148 -0.65 -19.31 0.86
N LYS A 149 -1.61 -19.87 1.59
CA LYS A 149 -2.83 -20.39 1.02
C LYS A 149 -4.02 -19.60 1.56
N ARG A 150 -5.03 -19.47 0.73
CA ARG A 150 -6.15 -18.59 1.06
C ARG A 150 -6.86 -18.98 2.35
N ASN A 151 -6.99 -20.28 2.61
CA ASN A 151 -7.67 -20.75 3.83
C ASN A 151 -6.78 -20.82 5.07
N ASP A 152 -5.51 -20.40 4.97
CA ASP A 152 -4.63 -20.40 6.14
C ASP A 152 -5.21 -19.40 7.15
N PRO A 153 -5.13 -19.70 8.44
CA PRO A 153 -5.78 -18.80 9.42
C PRO A 153 -5.29 -17.34 9.35
N LEU A 154 -6.22 -16.40 9.54
CA LEU A 154 -5.93 -14.97 9.48
C LEU A 154 -5.60 -14.47 10.85
N LYS A 155 -4.63 -13.55 10.92
CA LYS A 155 -4.46 -12.67 12.03
C LYS A 155 -5.22 -11.40 11.68
N ARG A 156 -5.89 -10.81 12.65
CA ARG A 156 -6.58 -9.53 12.42
C ARG A 156 -5.96 -8.48 13.31
N LEU A 157 -5.48 -7.40 12.70
CA LEU A 157 -4.76 -6.37 13.43
C LEU A 157 -5.33 -5.02 13.10
N LEU A 158 -5.70 -4.25 14.11
CA LEU A 158 -6.07 -2.85 13.85
C LEU A 158 -4.81 -2.07 13.46
N LEU A 159 -4.90 -1.32 12.36
CA LEU A 159 -3.80 -0.49 11.91
C LEU A 159 -4.27 0.95 12.13
N GLU A 160 -3.49 1.72 12.88
CA GLU A 160 -3.84 3.11 13.20
C GLU A 160 -2.84 4.04 12.52
N HIS A 161 -3.19 5.32 12.54
CA HIS A 161 -2.41 6.37 11.90
C HIS A 161 -0.93 6.33 12.23
N GLY A 162 -0.09 6.17 11.22
CA GLY A 162 1.31 6.13 11.43
C GLY A 162 1.87 4.71 11.48
N ASP A 163 1.02 3.68 11.58
CA ASP A 163 1.56 2.33 11.64
C ASP A 163 2.18 1.94 10.29
N VAL A 164 3.26 1.19 10.36
CA VAL A 164 3.93 0.64 9.17
C VAL A 164 4.06 -0.89 9.26
N VAL A 165 3.61 -1.56 8.22
CA VAL A 165 3.69 -3.05 8.19
C VAL A 165 4.68 -3.40 7.10
N VAL A 166 5.57 -4.37 7.40
CA VAL A 166 6.57 -4.76 6.43
C VAL A 166 6.55 -6.28 6.34
N TRP A 167 6.47 -6.80 5.12
CA TRP A 167 6.58 -8.26 4.95
C TRP A 167 7.50 -8.61 3.81
N GLY A 168 8.00 -9.85 3.82
CA GLY A 168 9.01 -10.20 2.88
C GLY A 168 9.60 -11.55 3.26
N GLY A 169 10.52 -12.01 2.43
CA GLY A 169 11.15 -13.31 2.66
C GLY A 169 10.11 -14.43 2.65
N GLU A 170 10.04 -15.17 3.76
CA GLU A 170 9.11 -16.30 3.89
C GLU A 170 7.66 -15.86 3.74
N SER A 171 7.37 -14.59 4.11
CA SER A 171 5.99 -14.10 4.08
C SER A 171 5.65 -13.22 2.87
N ARG A 172 6.54 -13.13 1.88
CA ARG A 172 6.32 -12.14 0.78
C ARG A 172 5.00 -12.35 0.01
N LEU A 173 4.60 -13.59 -0.17
CA LEU A 173 3.40 -13.97 -0.93
C LEU A 173 2.18 -14.28 -0.06
N PHE A 174 2.24 -13.94 1.22
CA PHE A 174 1.12 -14.22 2.11
C PHE A 174 -0.11 -13.43 1.74
N TYR A 175 -1.27 -14.01 1.94
CA TYR A 175 -2.56 -13.36 1.66
C TYR A 175 -2.80 -12.28 2.72
N HIS A 176 -3.43 -11.19 2.31
CA HIS A 176 -3.72 -10.12 3.23
C HIS A 176 -4.83 -9.26 2.62
N GLY A 177 -5.44 -8.41 3.45
CA GLY A 177 -6.53 -7.54 3.02
C GLY A 177 -6.96 -6.60 4.10
N ILE A 178 -7.95 -5.78 3.77
CA ILE A 178 -8.53 -4.76 4.70
C ILE A 178 -10.05 -4.97 4.76
N GLN A 179 -10.58 -5.02 5.97
CA GLN A 179 -12.03 -5.08 6.20
C GLN A 179 -12.72 -3.74 5.96
N PRO A 180 -14.02 -3.75 5.63
CA PRO A 180 -14.72 -2.49 5.33
C PRO A 180 -14.46 -1.44 6.39
N LEU A 181 -14.06 -0.25 5.92
CA LEU A 181 -13.64 0.86 6.78
C LEU A 181 -14.84 1.45 7.54
N LYS A 182 -14.68 1.58 8.86
N LYS A 182 -14.70 1.59 8.86
CA LYS A 182 -15.65 2.26 9.70
CA LYS A 182 -15.71 2.24 9.68
C LYS A 182 -15.59 3.76 9.46
C LYS A 182 -15.59 3.74 9.53
N ALA A 183 -16.73 4.43 9.52
CA ALA A 183 -16.75 5.89 9.48
C ALA A 183 -16.15 6.42 10.77
N GLY A 184 -15.56 7.61 10.67
CA GLY A 184 -14.98 8.26 11.82
C GLY A 184 -14.36 9.58 11.39
N PHE A 185 -13.64 10.18 12.33
CA PHE A 185 -12.96 11.44 12.10
C PHE A 185 -11.49 11.28 12.44
N HIS A 186 -10.64 11.85 11.60
CA HIS A 186 -9.24 12.02 11.94
C HIS A 186 -8.79 13.45 11.62
N PRO A 187 -8.02 14.09 12.51
CA PRO A 187 -7.78 15.52 12.27
C PRO A 187 -6.99 15.85 11.01
N LEU A 188 -6.18 14.91 10.51
CA LEU A 188 -5.35 15.15 9.35
C LEU A 188 -5.88 14.69 8.01
N THR A 189 -6.72 13.65 7.99
CA THR A 189 -7.39 13.22 6.77
C THR A 189 -8.90 13.47 6.74
N ILE A 190 -9.43 13.93 7.87
CA ILE A 190 -10.86 14.21 8.05
C ILE A 190 -11.76 12.98 8.05
N ASP A 191 -11.92 12.30 6.92
CA ASP A 191 -12.92 11.25 6.83
C ASP A 191 -12.49 10.04 6.04
N CYS A 192 -11.18 9.87 5.87
CA CYS A 192 -10.69 8.71 5.10
C CYS A 192 -9.43 8.12 5.69
N ARG A 193 -9.07 6.93 5.19
CA ARG A 193 -7.76 6.37 5.45
C ARG A 193 -6.98 6.32 4.12
N TYR A 194 -5.66 6.54 4.23
CA TYR A 194 -4.74 6.37 3.11
C TYR A 194 -3.80 5.24 3.49
N ASN A 195 -3.37 4.57 2.46
CA ASN A 195 -2.25 3.63 2.60
C ASN A 195 -1.22 3.79 1.49
N LEU A 196 0.06 3.73 1.84
CA LEU A 196 1.18 3.72 0.87
C LEU A 196 1.80 2.34 0.82
N THR A 197 1.80 1.72 -0.34
CA THR A 197 2.41 0.40 -0.54
C THR A 197 3.61 0.57 -1.47
N PHE A 198 4.80 0.33 -0.92
CA PHE A 198 6.09 0.41 -1.61
C PHE A 198 6.54 -0.95 -2.07
N ARG A 199 7.00 -1.01 -3.31
CA ARG A 199 7.46 -2.29 -3.92
C ARG A 199 8.65 -2.04 -4.83
N GLN A 200 9.43 -3.10 -5.02
CA GLN A 200 10.30 -3.19 -6.18
C GLN A 200 9.62 -4.10 -7.19
N ALA A 201 9.11 -3.50 -8.23
CA ALA A 201 8.29 -4.21 -9.22
C ALA A 201 9.04 -4.42 -10.52
N GLY A 202 10.16 -3.71 -10.68
CA GLY A 202 11.01 -3.79 -11.87
C GLY A 202 12.40 -4.30 -11.56
N LYS A 203 13.13 -4.70 -12.60
CA LYS A 203 14.52 -5.14 -12.43
C LYS A 203 15.43 -4.01 -11.94
P 6MA B 8 -7.72 -11.15 -6.22
OP1 6MA B 8 -6.89 -10.84 -7.42
OP2 6MA B 8 -7.10 -11.67 -5.00
O5' 6MA B 8 -8.37 -9.66 -5.79
C5' 6MA B 8 -8.97 -9.47 -4.51
C4' 6MA B 8 -8.95 -7.93 -4.31
O4' 6MA B 8 -7.58 -7.54 -4.16
C3' 6MA B 8 -9.56 -7.23 -5.48
O3' 6MA B 8 -10.13 -5.97 -5.02
C2' 6MA B 8 -8.37 -6.70 -6.27
C1' 6MA B 8 -7.27 -6.53 -5.20
N9 6MA B 8 -5.88 -6.80 -5.63
C8 6MA B 8 -5.42 -7.98 -6.17
N7 6MA B 8 -4.09 -7.98 -6.36
C5 6MA B 8 -3.65 -6.77 -5.91
C6 6MA B 8 -2.33 -6.14 -5.80
N1 6MA B 8 -2.31 -4.91 -5.25
C2 6MA B 8 -3.43 -4.29 -4.75
N3 6MA B 8 -4.66 -4.83 -4.83
C4 6MA B 8 -4.82 -6.06 -5.39
N6 6MA B 8 -1.25 -6.82 -6.30
C1 6MA B 8 0.05 -6.13 -6.35
P 2YR B 10 -17.20 -6.51 -5.32
OP1 2YR B 10 -17.87 -5.17 -5.56
OP2 2YR B 10 -16.67 -6.73 -3.97
O5' 2YR B 10 -18.11 -7.79 -5.64
C5' 2YR B 10 -18.71 -7.93 -6.90
C4' 2YR B 10 -19.50 -9.21 -6.93
O4' 2YR B 10 -18.62 -10.32 -6.61
C3' 2YR B 10 -20.65 -9.26 -5.94
O3' 2YR B 10 -21.76 -9.76 -6.65
C2' 2YR B 10 -20.15 -10.16 -4.83
C1' 2YR B 10 -19.16 -11.09 -5.54
N1 2YR B 10 -18.05 -11.50 -4.65
C2 2YR B 10 -17.85 -12.87 -4.39
O2 2YR B 10 -18.56 -13.69 -4.98
N3 2YR B 10 -16.89 -13.24 -3.53
C4 2YR B 10 -16.13 -12.32 -2.94
N4 2YR B 10 -15.21 -12.73 -2.07
C5 2YR B 10 -16.31 -10.92 -3.16
C6 2YR B 10 -17.27 -10.57 -4.03
S 2YR B 10 -13.78 -9.81 0.56
C8 2YR B 10 -14.73 -11.13 -0.22
C9 2YR B 10 -13.65 -11.75 -1.12
MN MN D . -1.58 -5.96 -1.14
C1 AKG E . -2.43 -3.07 -1.34
O1 AKG E . -2.67 -1.93 -1.83
O2 AKG E . -1.85 -3.96 -2.01
C2 AKG E . -2.79 -3.41 0.01
O5 AKG E . -2.78 -4.57 0.37
C3 AKG E . -3.17 -2.33 0.99
C4 AKG E . -3.34 -2.78 2.43
C5 AKG E . -3.68 -1.59 3.34
O3 AKG E . -4.40 -0.67 2.88
O4 AKG E . -3.22 -1.64 4.49
#